data_3B5J
#
_entry.id   3B5J
#
_cell.length_a   179.200
_cell.length_b   34.600
_cell.length_c   38.000
_cell.angle_alpha   90.000
_cell.angle_beta   98.400
_cell.angle_gamma   90.000
#
_symmetry.space_group_name_H-M   'C 1 2 1'
#
loop_
_entity.id
_entity.type
_entity.pdbx_description
1 polymer 'Alpha-hemolysin translocation ATP-binding protein hlyB'
2 non-polymer "2',3'-O-[(1R,6R)-2,4,6-trinitrocyclohexa-2,4-diene-1,1-diyl]adenosine 5'-(trihydrogen diphosphate)"
3 water water
#
_entity_poly.entity_id   1
_entity_poly.type   'polypeptide(L)'
_entity_poly.pdbx_seq_one_letter_code
;HHDITFRNIRFRYKPDSPVILDNINLSIKQGEVIGIVGRAGSGKSTLTKLIQRFYIPENGQVLIDGHDLALADPNWLRRQ
VGVVLQDNVLLNRSIIDNISLANPGMSVEKVIYAAKLAGAHDFISELREGYNTIVGEQGAGLSGGQRQRIAIARALVNNP
KILIFDEATSALDYESEHVIMRNMHKICKGRTVIIIAHRLSTVKNADRIIVMEKGKIVEQGKHKELLSEPESLYSYLYQL
QSD
;
_entity_poly.pdbx_strand_id   A
#
loop_
_chem_comp.id
_chem_comp.type
_chem_comp.name
_chem_comp.formula
12D non-polymer '2',3'-O-[(1R,6R)-2,4,6-trinitrocyclohexa-2,4-diene-1,1-diyl]adenosine 5'-(trihydrogen diphosphate)' 'C16 H16 N8 O16 P2'
#
# COMPACT_ATOMS: atom_id res chain seq x y z
N HIS A 1 -14.48 12.81 -8.23
CA HIS A 1 -14.56 11.39 -8.67
C HIS A 1 -13.96 10.47 -7.61
N HIS A 2 -14.68 9.41 -7.27
CA HIS A 2 -14.17 8.41 -6.33
C HIS A 2 -13.53 7.24 -7.07
N ASP A 3 -12.30 6.94 -6.68
CA ASP A 3 -11.53 5.84 -7.27
C ASP A 3 -11.82 4.52 -6.60
N ILE A 4 -12.25 4.56 -5.35
CA ILE A 4 -12.49 3.34 -4.59
C ILE A 4 -13.72 3.51 -3.73
N THR A 5 -14.70 2.66 -3.96
CA THR A 5 -15.91 2.68 -3.15
C THR A 5 -16.22 1.31 -2.58
N PHE A 6 -16.50 1.29 -1.28
CA PHE A 6 -17.05 0.12 -0.61
C PHE A 6 -18.46 0.48 -0.22
N ARG A 7 -19.41 -0.38 -0.56
CA ARG A 7 -20.78 -0.19 -0.15
C ARG A 7 -21.31 -1.41 0.57
N ASN A 8 -21.55 -1.27 1.88
CA ASN A 8 -22.16 -2.34 2.70
C ASN A 8 -21.45 -3.68 2.62
N ILE A 9 -20.13 -3.62 2.60
CA ILE A 9 -19.30 -4.81 2.40
C ILE A 9 -19.28 -5.68 3.65
N ARG A 10 -19.71 -6.93 3.48
CA ARG A 10 -19.55 -7.95 4.50
C ARG A 10 -18.63 -9.00 3.92
N PHE A 11 -17.66 -9.43 4.72
CA PHE A 11 -16.73 -10.43 4.26
C PHE A 11 -16.24 -11.37 5.36
N ARG A 12 -16.21 -12.66 5.01
CA ARG A 12 -15.55 -13.69 5.82
C ARG A 12 -14.72 -14.57 4.89
N TYR A 13 -13.62 -15.10 5.40
CA TYR A 13 -12.73 -15.92 4.58
C TYR A 13 -13.32 -17.26 4.15
N LYS A 14 -14.02 -17.94 5.04
CA LYS A 14 -14.64 -19.23 4.70
C LYS A 14 -16.12 -19.21 5.06
N PRO A 15 -16.96 -19.99 4.33
CA PRO A 15 -18.41 -19.96 4.51
C PRO A 15 -18.89 -19.94 5.96
N ASP A 16 -18.20 -20.66 6.84
CA ASP A 16 -18.59 -20.68 8.24
C ASP A 16 -17.68 -19.87 9.17
N SER A 17 -16.57 -19.38 8.64
CA SER A 17 -15.59 -18.62 9.43
C SER A 17 -16.17 -17.28 9.90
N PRO A 18 -15.49 -16.59 10.85
CA PRO A 18 -15.98 -15.31 11.36
C PRO A 18 -16.07 -14.18 10.34
N VAL A 19 -17.03 -13.28 10.56
CA VAL A 19 -17.17 -12.06 9.78
C VAL A 19 -16.01 -11.13 10.08
N ILE A 20 -15.24 -10.81 9.05
CA ILE A 20 -14.02 -10.01 9.18
C ILE A 20 -14.29 -8.55 8.88
N LEU A 21 -15.16 -8.30 7.91
CA LEU A 21 -15.58 -6.95 7.55
C LEU A 21 -17.09 -6.90 7.65
N ASP A 22 -17.59 -5.98 8.47
CA ASP A 22 -19.03 -5.82 8.60
C ASP A 22 -19.45 -4.43 8.18
N ASN A 23 -20.31 -4.40 7.17
CA ASN A 23 -20.91 -3.17 6.67
C ASN A 23 -19.88 -2.07 6.43
N ILE A 24 -18.88 -2.37 5.61
CA ILE A 24 -17.87 -1.37 5.28
C ILE A 24 -18.41 -0.39 4.25
N ASN A 25 -18.42 0.88 4.63
CA ASN A 25 -18.83 1.96 3.75
C ASN A 25 -17.75 2.99 3.69
N LEU A 26 -17.19 3.14 2.50
CA LEU A 26 -15.99 3.90 2.30
C LEU A 26 -16.02 4.42 0.88
N SER A 27 -15.63 5.67 0.71
CA SER A 27 -15.49 6.23 -0.62
C SER A 27 -14.24 7.11 -0.64
N ILE A 28 -13.32 6.75 -1.52
CA ILE A 28 -12.04 7.43 -1.60
C ILE A 28 -11.98 8.19 -2.94
N LYS A 29 -11.82 9.51 -2.83
CA LYS A 29 -11.68 10.39 -3.98
C LYS A 29 -10.39 10.13 -4.71
N GLN A 30 -10.41 10.39 -6.02
CA GLN A 30 -9.22 10.29 -6.86
C GLN A 30 -8.11 11.17 -6.31
N GLY A 31 -6.93 10.57 -6.12
CA GLY A 31 -5.74 11.32 -5.71
C GLY A 31 -5.61 11.50 -4.21
N GLU A 32 -6.62 11.05 -3.47
CA GLU A 32 -6.57 11.03 -2.01
C GLU A 32 -5.47 10.10 -1.51
N VAL A 33 -4.83 10.51 -0.42
CA VAL A 33 -3.93 9.63 0.32
C VAL A 33 -4.65 9.25 1.62
N ILE A 34 -4.93 7.96 1.76
CA ILE A 34 -5.66 7.42 2.91
C ILE A 34 -4.74 6.58 3.80
N GLY A 35 -4.74 6.89 5.09
CA GLY A 35 -4.12 6.02 6.06
C GLY A 35 -5.18 5.14 6.66
N ILE A 36 -4.86 3.87 6.87
CA ILE A 36 -5.78 2.97 7.56
C ILE A 36 -5.07 2.41 8.81
N VAL A 37 -5.63 2.69 9.97
CA VAL A 37 -5.04 2.23 11.24
C VAL A 37 -6.03 1.40 12.01
N GLY A 38 -5.52 0.72 13.04
CA GLY A 38 -6.32 -0.15 13.87
C GLY A 38 -5.47 -1.28 14.40
N ARG A 39 -5.94 -1.90 15.48
CA ARG A 39 -5.21 -2.99 16.12
C ARG A 39 -4.94 -4.13 15.15
N ALA A 40 -3.97 -4.96 15.47
CA ALA A 40 -3.74 -6.17 14.69
C ALA A 40 -5.05 -6.94 14.57
N GLY A 41 -5.40 -7.34 13.35
CA GLY A 41 -6.58 -8.16 13.12
C GLY A 41 -7.88 -7.41 12.97
N SER A 42 -7.80 -6.09 12.88
CA SER A 42 -9.01 -5.24 12.74
C SER A 42 -9.63 -5.30 11.32
N GLY A 43 -8.85 -5.76 10.35
CA GLY A 43 -9.38 -6.01 9.00
C GLY A 43 -8.80 -5.08 7.95
N LYS A 44 -7.69 -4.42 8.27
CA LYS A 44 -7.10 -3.44 7.36
C LYS A 44 -6.56 -4.09 6.09
N SER A 45 -5.77 -5.16 6.24
CA SER A 45 -5.25 -5.89 5.08
C SER A 45 -6.38 -6.50 4.26
N THR A 46 -7.34 -7.11 4.96
CA THR A 46 -8.49 -7.72 4.31
C THR A 46 -9.17 -6.73 3.37
N LEU A 47 -9.30 -5.50 3.83
CA LEU A 47 -9.89 -4.46 3.00
C LEU A 47 -9.18 -4.30 1.64
N THR A 48 -7.85 -4.28 1.66
CA THR A 48 -7.06 -4.06 0.45
C THR A 48 -7.09 -5.27 -0.46
N LYS A 49 -7.25 -6.44 0.13
CA LYS A 49 -7.39 -7.68 -0.62
C LYS A 49 -8.65 -7.63 -1.47
N LEU A 50 -9.74 -7.10 -0.91
CA LEU A 50 -11.01 -6.98 -1.65
C LEU A 50 -10.91 -5.97 -2.77
N ILE A 51 -10.10 -4.92 -2.58
CA ILE A 51 -9.83 -3.95 -3.65
C ILE A 51 -9.22 -4.62 -4.87
N GLN A 52 -8.39 -5.61 -4.64
CA GLN A 52 -7.76 -6.38 -5.71
C GLN A 52 -8.57 -7.59 -6.16
N ARG A 53 -9.76 -7.76 -5.57
CA ARG A 53 -10.64 -8.91 -5.78
C ARG A 53 -9.93 -10.26 -5.60
N PHE A 54 -9.00 -10.30 -4.64
CA PHE A 54 -8.39 -11.55 -4.20
C PHE A 54 -9.47 -12.41 -3.54
N TYR A 55 -10.49 -11.74 -3.03
CA TYR A 55 -11.64 -12.41 -2.44
C TYR A 55 -12.90 -11.65 -2.83
N ILE A 56 -14.02 -12.33 -2.67
CA ILE A 56 -15.32 -11.83 -3.08
C ILE A 56 -16.23 -11.72 -1.85
N PRO A 57 -16.83 -10.53 -1.64
CA PRO A 57 -17.69 -10.29 -0.48
C PRO A 57 -19.01 -11.04 -0.60
N GLU A 58 -19.59 -11.46 0.52
CA GLU A 58 -20.90 -12.12 0.47
C GLU A 58 -22.02 -11.09 0.31
N ASN A 59 -21.79 -9.90 0.85
CA ASN A 59 -22.72 -8.77 0.73
C ASN A 59 -21.98 -7.54 0.29
N GLY A 60 -22.66 -6.69 -0.47
CA GLY A 60 -22.14 -5.37 -0.78
C GLY A 60 -21.34 -5.35 -2.05
N GLN A 61 -20.79 -4.17 -2.36
CA GLN A 61 -20.09 -3.96 -3.62
C GLN A 61 -18.77 -3.22 -3.41
N VAL A 62 -17.74 -3.65 -4.14
CA VAL A 62 -16.51 -2.86 -4.27
C VAL A 62 -16.49 -2.29 -5.68
N LEU A 63 -16.32 -0.97 -5.78
CA LEU A 63 -16.30 -0.29 -7.07
C LEU A 63 -15.00 0.47 -7.22
N ILE A 64 -14.45 0.44 -8.43
CA ILE A 64 -13.37 1.34 -8.82
C ILE A 64 -13.90 2.18 -9.97
N ASP A 65 -13.75 3.49 -9.86
CA ASP A 65 -14.21 4.44 -10.89
C ASP A 65 -15.74 4.50 -11.04
N GLY A 66 -16.43 3.55 -10.41
CA GLY A 66 -17.84 3.33 -10.67
C GLY A 66 -18.04 1.93 -11.24
N HIS A 67 -16.97 1.33 -11.75
CA HIS A 67 -16.96 -0.08 -12.18
C HIS A 67 -17.03 -1.04 -10.98
N ASP A 68 -18.20 -1.65 -10.73
CA ASP A 68 -18.30 -2.75 -9.77
C ASP A 68 -17.32 -3.83 -10.19
N LEU A 69 -16.46 -4.24 -9.26
CA LEU A 69 -15.41 -5.20 -9.55
C LEU A 69 -15.91 -6.59 -9.90
N ALA A 70 -17.15 -6.88 -9.51
CA ALA A 70 -17.81 -8.13 -9.86
C ALA A 70 -17.90 -8.28 -11.36
N LEU A 71 -17.96 -7.15 -12.06
CA LEU A 71 -18.14 -7.10 -13.50
C LEU A 71 -16.89 -6.67 -14.25
N ALA A 72 -15.96 -6.03 -13.54
CA ALA A 72 -14.77 -5.45 -14.15
C ALA A 72 -13.82 -6.50 -14.70
N ASP A 73 -13.14 -6.15 -15.79
CA ASP A 73 -12.09 -6.99 -16.36
C ASP A 73 -11.03 -7.18 -15.27
N PRO A 74 -10.72 -8.45 -14.93
CA PRO A 74 -9.69 -8.72 -13.92
C PRO A 74 -8.31 -8.25 -14.40
N ASN A 75 -8.11 -8.27 -15.71
CA ASN A 75 -6.85 -7.86 -16.31
C ASN A 75 -6.65 -6.35 -16.15
N TRP A 76 -7.72 -5.60 -16.38
CA TRP A 76 -7.75 -4.16 -16.14
C TRP A 76 -7.46 -3.83 -14.67
N LEU A 77 -8.09 -4.58 -13.76
CA LEU A 77 -7.95 -4.30 -12.32
C LEU A 77 -6.53 -4.54 -11.82
N ARG A 78 -5.89 -5.58 -12.33
CA ARG A 78 -4.49 -5.86 -12.02
C ARG A 78 -3.59 -4.68 -12.38
N ARG A 79 -3.92 -3.99 -13.48
CA ARG A 79 -3.14 -2.85 -13.93
C ARG A 79 -3.45 -1.51 -13.24
N GLN A 80 -4.66 -1.41 -12.67
CA GLN A 80 -5.09 -0.21 -11.92
C GLN A 80 -4.37 -0.05 -10.59
N VAL A 81 -3.97 -1.18 -10.02
CA VAL A 81 -3.55 -1.25 -8.63
C VAL A 81 -2.09 -1.71 -8.52
N GLY A 82 -1.27 -0.90 -7.88
CA GLY A 82 0.09 -1.28 -7.56
C GLY A 82 0.19 -1.49 -6.07
N VAL A 83 0.87 -2.56 -5.67
CA VAL A 83 1.04 -2.82 -4.25
C VAL A 83 2.51 -2.84 -3.87
N VAL A 84 2.85 -2.04 -2.88
CA VAL A 84 4.17 -2.06 -2.29
C VAL A 84 4.17 -3.17 -1.27
N LEU A 85 4.83 -4.28 -1.62
CA LEU A 85 4.87 -5.45 -0.76
C LEU A 85 6.00 -5.35 0.24
N GLN A 86 5.87 -6.09 1.32
CA GLN A 86 6.92 -6.22 2.32
C GLN A 86 7.66 -7.53 2.08
N ASP A 87 8.97 -7.50 2.27
CA ASP A 87 9.80 -8.71 2.22
C ASP A 87 9.39 -9.68 1.11
N ASN A 88 9.27 -9.14 -0.11
CA ASN A 88 8.98 -9.92 -1.30
C ASN A 88 9.76 -9.43 -2.50
N VAL A 89 11.08 -9.42 -2.34
CA VAL A 89 12.00 -9.12 -3.43
C VAL A 89 12.82 -10.39 -3.59
N LEU A 90 12.72 -11.00 -4.77
CA LEU A 90 13.42 -12.24 -5.10
C LEU A 90 14.93 -12.05 -5.08
N LEU A 91 15.59 -12.80 -4.21
CA LEU A 91 17.05 -12.70 -4.05
C LEU A 91 17.82 -13.28 -5.23
N ASN A 92 17.28 -14.35 -5.82
CA ASN A 92 17.95 -15.05 -6.93
C ASN A 92 17.83 -14.36 -8.30
N ARG A 93 17.27 -13.14 -8.31
CA ARG A 93 17.08 -12.41 -9.57
C ARG A 93 17.59 -10.97 -9.50
N SER A 94 17.72 -10.35 -10.67
CA SER A 94 18.31 -9.01 -10.78
C SER A 94 17.37 -7.91 -10.29
N ILE A 95 17.94 -6.77 -9.93
CA ILE A 95 17.15 -5.63 -9.48
C ILE A 95 16.08 -5.26 -10.54
N ILE A 96 16.50 -5.15 -11.79
CA ILE A 96 15.57 -4.86 -12.89
C ILE A 96 14.48 -5.94 -13.08
N ASP A 97 14.84 -7.20 -12.84
CA ASP A 97 13.89 -8.31 -12.93
C ASP A 97 12.85 -8.25 -11.81
N ASN A 98 13.32 -7.85 -10.63
CA ASN A 98 12.46 -7.64 -9.47
C ASN A 98 11.53 -6.44 -9.61
N ILE A 99 11.97 -5.41 -10.33
CA ILE A 99 11.13 -4.23 -10.54
C ILE A 99 10.08 -4.48 -11.62
N SER A 100 10.46 -5.20 -12.68
CA SER A 100 9.56 -5.41 -13.81
C SER A 100 8.82 -6.76 -13.75
N LEU A 101 8.74 -7.35 -12.56
CA LEU A 101 8.24 -8.72 -12.40
C LEU A 101 6.77 -8.90 -12.79
N ALA A 102 5.95 -7.91 -12.46
CA ALA A 102 4.52 -7.92 -12.77
C ALA A 102 4.24 -7.92 -14.28
N ASN A 103 5.14 -7.32 -15.05
CA ASN A 103 5.13 -7.46 -16.51
C ASN A 103 6.56 -7.49 -17.07
N PRO A 104 7.13 -8.71 -17.21
CA PRO A 104 8.52 -8.97 -17.60
C PRO A 104 9.00 -8.35 -18.92
N GLY A 105 8.08 -7.95 -19.79
CA GLY A 105 8.45 -7.51 -21.14
C GLY A 105 8.32 -6.02 -21.44
N MET A 106 8.60 -5.19 -20.44
CA MET A 106 8.50 -3.73 -20.57
C MET A 106 9.81 -3.09 -21.04
N SER A 107 10.17 -1.97 -20.42
CA SER A 107 11.35 -1.22 -20.83
C SER A 107 12.23 -0.79 -19.66
N VAL A 108 13.53 -0.74 -19.92
CA VAL A 108 14.52 -0.20 -18.99
C VAL A 108 14.18 1.25 -18.59
N GLU A 109 13.62 2.02 -19.52
CA GLU A 109 13.23 3.41 -19.27
C GLU A 109 12.14 3.53 -18.20
N LYS A 110 11.09 2.72 -18.34
CA LYS A 110 10.01 2.69 -17.34
C LYS A 110 10.53 2.24 -15.98
N VAL A 111 11.41 1.24 -15.98
CA VAL A 111 12.01 0.73 -14.75
C VAL A 111 12.80 1.81 -14.01
N ILE A 112 13.68 2.50 -14.73
CA ILE A 112 14.51 3.57 -14.16
C ILE A 112 13.63 4.68 -13.56
N TYR A 113 12.61 5.10 -14.31
CA TYR A 113 11.68 6.13 -13.87
C TYR A 113 11.02 5.75 -12.55
N ALA A 114 10.59 4.49 -12.46
CA ALA A 114 9.98 3.97 -11.25
C ALA A 114 10.98 3.95 -10.10
N ALA A 115 12.22 3.54 -10.39
CA ALA A 115 13.29 3.52 -9.40
C ALA A 115 13.65 4.93 -8.92
N LYS A 116 13.57 5.90 -9.84
CA LYS A 116 13.80 7.30 -9.53
C LYS A 116 12.76 7.86 -8.55
N LEU A 117 11.49 7.59 -8.81
CA LEU A 117 10.42 7.99 -7.87
C LEU A 117 10.59 7.27 -6.54
N ALA A 118 10.91 5.98 -6.60
CA ALA A 118 11.10 5.13 -5.42
C ALA A 118 12.28 5.57 -4.54
N GLY A 119 13.20 6.34 -5.12
CA GLY A 119 14.43 6.74 -4.43
C GLY A 119 15.45 5.61 -4.37
N ALA A 120 15.37 4.71 -5.35
CA ALA A 120 16.24 3.54 -5.44
C ALA A 120 17.29 3.69 -6.53
N HIS A 121 17.02 4.58 -7.48
CA HIS A 121 17.87 4.71 -8.67
C HIS A 121 19.32 5.03 -8.34
N ASP A 122 19.52 5.99 -7.44
CA ASP A 122 20.85 6.46 -7.07
C ASP A 122 21.75 5.35 -6.52
N PHE A 123 21.26 4.58 -5.55
CA PHE A 123 22.08 3.48 -4.99
C PHE A 123 22.31 2.31 -5.97
N ILE A 124 21.33 2.08 -6.85
CA ILE A 124 21.45 1.06 -7.88
C ILE A 124 22.53 1.46 -8.89
N SER A 125 22.51 2.74 -9.27
CA SER A 125 23.50 3.31 -10.19
C SER A 125 24.94 3.19 -9.69
N GLU A 126 25.12 3.07 -8.37
CA GLU A 126 26.44 3.01 -7.77
C GLU A 126 26.89 1.58 -7.41
N LEU A 127 26.13 0.60 -7.91
CA LEU A 127 26.50 -0.80 -7.76
C LEU A 127 27.29 -1.25 -8.98
N ARG A 128 28.31 -2.07 -8.76
CA ARG A 128 29.16 -2.62 -9.81
C ARG A 128 28.32 -3.06 -11.02
N GLU A 129 27.27 -3.84 -10.76
CA GLU A 129 26.49 -4.43 -11.84
C GLU A 129 25.26 -3.63 -12.25
N GLY A 130 25.00 -2.50 -11.58
CA GLY A 130 23.88 -1.64 -11.90
C GLY A 130 22.55 -2.30 -11.62
N TYR A 131 21.64 -2.24 -12.59
CA TYR A 131 20.34 -2.90 -12.48
C TYR A 131 20.42 -4.43 -12.65
N ASN A 132 21.48 -4.92 -13.27
CA ASN A 132 21.67 -6.35 -13.46
C ASN A 132 22.20 -7.05 -12.19
N THR A 133 22.41 -6.28 -11.13
CA THR A 133 22.84 -6.81 -9.83
C THR A 133 21.84 -7.82 -9.30
N ILE A 134 22.30 -9.05 -9.09
CA ILE A 134 21.50 -10.06 -8.40
C ILE A 134 21.33 -9.61 -6.95
N VAL A 135 20.07 -9.53 -6.51
CA VAL A 135 19.73 -9.01 -5.17
C VAL A 135 20.44 -9.82 -4.07
N GLY A 136 20.55 -11.13 -4.29
CA GLY A 136 21.26 -12.05 -3.38
C GLY A 136 22.68 -11.67 -3.03
N GLU A 137 23.12 -12.18 -1.88
CA GLU A 137 24.33 -11.72 -1.18
C GLU A 137 25.65 -12.14 -1.84
N GLN A 138 25.57 -13.00 -2.85
CA GLN A 138 26.74 -13.49 -3.58
C GLN A 138 27.03 -12.59 -4.78
N GLY A 139 26.17 -11.59 -4.99
CA GLY A 139 26.36 -10.58 -6.04
C GLY A 139 26.86 -9.26 -5.47
N ALA A 140 26.03 -8.61 -4.66
CA ALA A 140 26.41 -7.40 -3.92
C ALA A 140 25.96 -7.49 -2.46
N GLY A 141 24.68 -7.79 -2.25
CA GLY A 141 24.13 -7.98 -0.92
C GLY A 141 23.43 -6.75 -0.36
N LEU A 142 22.20 -6.53 -0.83
CA LEU A 142 21.43 -5.33 -0.50
C LEU A 142 20.76 -5.41 0.88
N SER A 143 20.43 -4.24 1.44
CA SER A 143 19.78 -4.15 2.76
C SER A 143 18.27 -4.10 2.65
N GLY A 144 17.60 -4.16 3.81
CA GLY A 144 16.13 -4.17 3.88
C GLY A 144 15.47 -2.92 3.33
N GLY A 145 16.00 -1.77 3.73
CA GLY A 145 15.48 -0.47 3.27
C GLY A 145 15.75 -0.21 1.81
N GLN A 146 16.82 -0.82 1.28
CA GLN A 146 17.13 -0.79 -0.15
C GLN A 146 16.13 -1.65 -0.91
N ARG A 147 15.94 -2.88 -0.44
CA ARG A 147 14.97 -3.81 -1.02
C ARG A 147 13.56 -3.24 -0.98
N GLN A 148 13.26 -2.48 0.08
CA GLN A 148 11.97 -1.81 0.19
C GLN A 148 11.76 -0.75 -0.88
N ARG A 149 12.82 -0.04 -1.22
CA ARG A 149 12.74 0.95 -2.29
C ARG A 149 12.56 0.28 -3.64
N ILE A 150 13.21 -0.87 -3.84
CA ILE A 150 12.96 -1.72 -5.01
C ILE A 150 11.50 -2.20 -5.08
N ALA A 151 10.92 -2.50 -3.91
CA ALA A 151 9.54 -2.96 -3.81
C ALA A 151 8.58 -1.84 -4.22
N ILE A 152 8.89 -0.63 -3.78
CA ILE A 152 8.16 0.56 -4.18
C ILE A 152 8.23 0.76 -5.71
N ALA A 153 9.43 0.63 -6.28
CA ALA A 153 9.63 0.79 -7.72
C ALA A 153 8.82 -0.24 -8.51
N ARG A 154 8.81 -1.47 -8.01
CA ARG A 154 8.02 -2.56 -8.60
C ARG A 154 6.53 -2.21 -8.61
N ALA A 155 6.03 -1.71 -7.49
CA ALA A 155 4.64 -1.26 -7.39
C ALA A 155 4.34 -0.14 -8.37
N LEU A 156 5.32 0.73 -8.59
CA LEU A 156 5.18 1.92 -9.43
C LEU A 156 5.38 1.69 -10.92
N VAL A 157 6.05 0.60 -11.26
CA VAL A 157 6.58 0.41 -12.62
C VAL A 157 5.55 0.56 -13.75
N ASN A 158 4.31 0.18 -13.51
CA ASN A 158 3.25 0.25 -14.53
C ASN A 158 2.32 1.46 -14.37
N ASN A 159 2.78 2.44 -13.60
CA ASN A 159 2.01 3.66 -13.35
C ASN A 159 0.57 3.38 -12.90
N PRO A 160 0.41 2.67 -11.76
CA PRO A 160 -0.94 2.36 -11.30
C PRO A 160 -1.63 3.62 -10.81
N LYS A 161 -2.92 3.74 -11.07
CA LYS A 161 -3.67 4.88 -10.56
C LYS A 161 -4.00 4.73 -9.08
N ILE A 162 -3.90 3.50 -8.57
CA ILE A 162 -4.12 3.22 -7.15
C ILE A 162 -2.88 2.55 -6.57
N LEU A 163 -2.36 3.10 -5.49
CA LEU A 163 -1.19 2.57 -4.84
C LEU A 163 -1.50 2.15 -3.40
N ILE A 164 -1.19 0.91 -3.06
CA ILE A 164 -1.44 0.39 -1.73
C ILE A 164 -0.12 -0.01 -1.07
N PHE A 165 0.15 0.56 0.09
CA PHE A 165 1.31 0.17 0.90
C PHE A 165 0.84 -0.84 1.96
N ASP A 166 1.28 -2.08 1.80
CA ASP A 166 1.03 -3.10 2.81
C ASP A 166 1.73 -2.70 4.10
N GLU A 167 1.13 -3.04 5.23
CA GLU A 167 1.66 -2.66 6.53
C GLU A 167 3.14 -3.04 6.67
N ALA A 168 3.92 -2.13 7.22
CA ALA A 168 5.35 -2.35 7.42
C ALA A 168 5.56 -3.39 8.52
N THR A 169 6.25 -4.46 8.16
CA THR A 169 6.55 -5.52 9.10
C THR A 169 7.83 -5.16 9.85
N SER A 170 8.96 -5.25 9.15
CA SER A 170 10.27 -4.91 9.70
C SER A 170 10.44 -3.39 9.87
N ALA A 171 11.42 -2.99 10.65
CA ALA A 171 11.80 -1.58 10.80
C ALA A 171 12.96 -1.26 9.86
N LEU A 172 12.83 -0.17 9.11
CA LEU A 172 13.84 0.20 8.10
C LEU A 172 14.93 1.15 8.62
N ASP A 173 16.07 1.15 7.92
CA ASP A 173 17.19 2.03 8.26
C ASP A 173 16.88 3.50 7.96
N TYR A 174 17.67 4.41 8.56
CA TYR A 174 17.41 5.85 8.47
C TYR A 174 17.42 6.39 7.04
N GLU A 175 18.47 6.08 6.29
CA GLU A 175 18.64 6.58 4.92
C GLU A 175 17.45 6.21 4.03
N SER A 176 17.06 4.94 4.08
CA SER A 176 15.94 4.44 3.29
C SER A 176 14.65 5.17 3.64
N GLU A 177 14.32 5.22 4.93
CA GLU A 177 13.11 5.88 5.41
C GLU A 177 13.08 7.37 5.12
N HIS A 178 14.24 8.02 5.27
CA HIS A 178 14.38 9.44 4.97
C HIS A 178 14.15 9.70 3.49
N VAL A 179 14.72 8.83 2.66
CA VAL A 179 14.55 8.89 1.21
C VAL A 179 13.10 8.63 0.82
N ILE A 180 12.48 7.61 1.44
CA ILE A 180 11.09 7.26 1.14
C ILE A 180 10.15 8.41 1.52
N MET A 181 10.30 8.93 2.73
CA MET A 181 9.49 10.06 3.18
C MET A 181 9.69 11.32 2.34
N ARG A 182 10.94 11.60 1.96
CA ARG A 182 11.28 12.74 1.09
C ARG A 182 10.60 12.62 -0.27
N ASN A 183 10.48 11.39 -0.75
CA ASN A 183 9.94 11.11 -2.07
C ASN A 183 8.44 10.79 -2.13
N MET A 184 7.80 10.68 -0.96
CA MET A 184 6.40 10.22 -0.89
C MET A 184 5.42 11.03 -1.73
N HIS A 185 5.59 12.35 -1.73
CA HIS A 185 4.71 13.23 -2.49
C HIS A 185 4.87 13.01 -3.99
N LYS A 186 6.07 12.60 -4.41
CA LYS A 186 6.34 12.24 -5.80
C LYS A 186 5.82 10.83 -6.11
N ILE A 187 6.03 9.90 -5.17
CA ILE A 187 5.51 8.54 -5.28
C ILE A 187 3.99 8.57 -5.40
N CYS A 188 3.37 9.46 -4.63
CA CYS A 188 1.92 9.50 -4.54
C CYS A 188 1.25 10.39 -5.58
N LYS A 189 2.04 11.29 -6.19
CA LYS A 189 1.51 12.25 -7.15
C LYS A 189 0.63 11.56 -8.19
N GLY A 190 -0.60 12.05 -8.33
CA GLY A 190 -1.49 11.60 -9.40
C GLY A 190 -2.17 10.28 -9.09
N ARG A 191 -1.95 9.78 -7.87
CA ARG A 191 -2.45 8.47 -7.48
C ARG A 191 -3.37 8.52 -6.28
N THR A 192 -4.36 7.62 -6.28
CA THR A 192 -5.13 7.34 -5.10
C THR A 192 -4.27 6.39 -4.28
N VAL A 193 -4.00 6.75 -3.03
CA VAL A 193 -3.07 6.02 -2.20
C VAL A 193 -3.66 5.52 -0.89
N ILE A 194 -3.43 4.25 -0.62
CA ILE A 194 -3.79 3.66 0.65
C ILE A 194 -2.54 3.19 1.35
N ILE A 195 -2.37 3.64 2.60
CA ILE A 195 -1.28 3.18 3.45
C ILE A 195 -1.85 2.49 4.69
N ILE A 196 -1.56 1.20 4.83
CA ILE A 196 -1.89 0.52 6.07
C ILE A 196 -0.74 0.76 7.04
N ALA A 197 -1.04 1.51 8.10
CA ALA A 197 0.00 2.05 8.96
C ALA A 197 0.20 1.24 10.23
N HIS A 198 1.43 0.78 10.42
CA HIS A 198 1.87 0.18 11.67
C HIS A 198 1.81 1.24 12.77
N ARG A 199 2.69 2.23 12.68
CA ARG A 199 2.68 3.36 13.59
C ARG A 199 1.72 4.42 13.04
N LEU A 200 0.86 4.96 13.90
CA LEU A 200 -0.10 6.00 13.50
C LEU A 200 0.61 7.24 12.96
N SER A 201 1.79 7.54 13.51
CA SER A 201 2.61 8.68 13.09
C SER A 201 2.88 8.69 11.58
N THR A 202 2.96 7.50 10.99
CA THR A 202 3.26 7.32 9.56
C THR A 202 2.25 8.01 8.64
N VAL A 203 0.99 8.05 9.06
CA VAL A 203 -0.09 8.56 8.21
C VAL A 203 -0.72 9.83 8.78
N LYS A 204 0.03 10.50 9.65
CA LYS A 204 -0.43 11.73 10.28
C LYS A 204 -0.86 12.79 9.27
N ASN A 205 -0.18 12.83 8.13
CA ASN A 205 -0.42 13.84 7.12
C ASN A 205 -1.21 13.32 5.94
N ALA A 206 -1.80 12.14 6.12
CA ALA A 206 -2.77 11.61 5.15
C ALA A 206 -3.98 12.54 5.10
N ASP A 207 -4.63 12.61 3.93
CA ASP A 207 -5.80 13.43 3.72
C ASP A 207 -6.91 13.04 4.70
N ARG A 208 -6.96 11.75 4.98
CA ARG A 208 -7.98 11.16 5.82
C ARG A 208 -7.40 9.88 6.38
N ILE A 209 -7.68 9.63 7.65
CA ILE A 209 -7.30 8.37 8.28
C ILE A 209 -8.58 7.63 8.62
N ILE A 210 -8.58 6.35 8.29
CA ILE A 210 -9.67 5.44 8.56
C ILE A 210 -9.28 4.57 9.74
N VAL A 211 -10.08 4.60 10.82
CA VAL A 211 -9.83 3.81 12.01
C VAL A 211 -10.71 2.56 12.05
N MET A 212 -10.07 1.39 11.92
CA MET A 212 -10.80 0.14 11.93
C MET A 212 -10.68 -0.56 13.27
N GLU A 213 -11.77 -1.20 13.68
CA GLU A 213 -11.81 -2.01 14.89
C GLU A 213 -12.78 -3.13 14.67
N LYS A 214 -12.32 -4.37 14.91
CA LYS A 214 -13.15 -5.57 14.80
C LYS A 214 -13.98 -5.57 13.51
N GLY A 215 -13.34 -5.21 12.41
CA GLY A 215 -13.96 -5.33 11.10
C GLY A 215 -14.90 -4.20 10.75
N LYS A 216 -14.90 -3.16 11.58
CA LYS A 216 -15.72 -1.98 11.32
C LYS A 216 -14.84 -0.76 11.19
N ILE A 217 -15.25 0.18 10.35
CA ILE A 217 -14.69 1.51 10.43
C ILE A 217 -15.42 2.22 11.57
N VAL A 218 -14.68 2.48 12.65
CA VAL A 218 -15.25 3.14 13.81
C VAL A 218 -15.15 4.67 13.74
N GLU A 219 -14.07 5.17 13.15
CA GLU A 219 -13.82 6.62 13.05
C GLU A 219 -13.13 6.90 11.74
N GLN A 220 -13.20 8.15 11.28
CA GLN A 220 -12.52 8.60 10.08
C GLN A 220 -12.39 10.12 10.06
N GLY A 221 -11.30 10.61 9.47
CA GLY A 221 -11.08 12.04 9.32
C GLY A 221 -9.61 12.35 9.37
N LYS A 222 -9.30 13.64 9.41
CA LYS A 222 -7.93 14.08 9.52
C LYS A 222 -7.42 13.86 10.93
N HIS A 223 -6.10 13.74 11.04
CA HIS A 223 -5.43 13.60 12.32
C HIS A 223 -6.05 14.49 13.40
N LYS A 224 -6.14 15.80 13.11
CA LYS A 224 -6.62 16.79 14.08
C LYS A 224 -8.05 16.52 14.57
N GLU A 225 -8.94 16.20 13.63
CA GLU A 225 -10.36 15.98 13.94
C GLU A 225 -10.54 14.69 14.73
N LEU A 226 -9.72 13.69 14.41
CA LEU A 226 -9.74 12.41 15.12
C LEU A 226 -9.31 12.54 16.58
N LEU A 227 -8.26 13.33 16.83
CA LEU A 227 -7.83 13.64 18.20
C LEU A 227 -8.81 14.53 18.98
N SER A 228 -9.64 15.29 18.27
CA SER A 228 -10.60 16.23 18.87
C SER A 228 -11.87 15.55 19.36
N GLU A 229 -12.10 14.34 18.83
CA GLU A 229 -13.23 13.51 19.20
C GLU A 229 -12.92 12.89 20.55
N PRO A 230 -13.71 13.25 21.60
CA PRO A 230 -13.46 12.72 22.94
C PRO A 230 -13.57 11.20 22.99
N GLU A 231 -12.69 10.58 23.77
CA GLU A 231 -12.60 9.11 23.90
C GLU A 231 -12.40 8.33 22.62
N SER A 232 -11.94 8.99 21.56
CA SER A 232 -11.75 8.29 20.29
C SER A 232 -10.74 7.15 20.41
N LEU A 233 -11.01 6.05 19.71
CA LEU A 233 -10.07 4.96 19.63
C LEU A 233 -8.75 5.49 19.09
N TYR A 234 -8.82 6.32 18.06
CA TYR A 234 -7.63 6.97 17.49
C TYR A 234 -6.72 7.61 18.53
N SER A 235 -7.30 8.44 19.40
CA SER A 235 -6.54 9.09 20.48
C SER A 235 -5.92 8.07 21.44
N TYR A 236 -6.65 7.00 21.74
CA TYR A 236 -6.12 5.94 22.59
C TYR A 236 -4.87 5.31 21.97
N LEU A 237 -4.96 4.95 20.68
CA LEU A 237 -3.84 4.33 19.99
C LEU A 237 -2.65 5.28 19.87
N TYR A 238 -2.92 6.55 19.63
CA TYR A 238 -1.88 7.57 19.62
C TYR A 238 -1.15 7.60 20.96
N GLN A 239 -1.91 7.72 22.04
CA GLN A 239 -1.36 7.71 23.40
C GLN A 239 -0.47 6.48 23.65
N LEU A 240 -0.98 5.30 23.28
CA LEU A 240 -0.25 4.04 23.47
C LEU A 240 1.09 4.00 22.75
N GLN A 241 1.18 4.74 21.64
CA GLN A 241 2.37 4.76 20.80
C GLN A 241 3.25 5.98 21.05
N SER A 242 2.80 6.87 21.94
CA SER A 242 3.56 8.07 22.29
C SER A 242 4.71 7.75 23.26
N ASP A 243 5.80 8.52 23.17
CA ASP A 243 6.91 8.40 24.11
C ASP A 243 6.56 9.13 25.41
P1 12D B . -5.06 -6.31 9.93
O1 12D B . -4.62 -6.02 8.52
O2 12D B . -5.88 -5.20 10.55
O3 12D B . -3.94 -6.74 10.85
P2 12D B . -6.29 -8.61 8.69
O4 12D B . -7.22 -8.06 7.63
O5 12D B . -4.96 -9.16 8.27
O6 12D B . -6.10 -7.53 9.86
O7 12D B . -7.06 -9.78 9.46
C1 12D B . -8.44 -9.71 9.81
C2 12D B . -8.90 -11.06 10.34
O8 12D B . -9.02 -12.00 9.27
C3 12D B . -7.82 -11.58 11.27
O9 12D B . -8.35 -12.14 12.47
C4 12D B . -7.14 -12.72 10.53
O10 12D B . -6.99 -13.76 11.49
C5 12D B . -8.12 -13.11 9.45
N1 12D B . -7.48 -13.54 8.18
C6 12D B . -6.57 -12.88 7.44
N2 12D B . -6.25 -13.62 6.36
C7 12D B . -6.96 -14.77 6.43
C8 12D B . -7.03 -15.89 5.61
N3 12D B . -6.29 -15.96 4.48
N4 12D B . -7.88 -16.89 5.96
C9 12D B . -8.62 -16.82 7.08
N5 12D B . -8.56 -15.75 7.87
C10 12D B . -7.73 -14.71 7.57
C11 12D B . -7.67 -13.39 12.70
C12 12D B . -8.70 -14.47 13.02
C13 12D B . -8.59 -15.28 14.15
C14 12D B . -7.56 -15.13 15.06
C15 12D B . -6.58 -14.16 14.85
C16 12D B . -6.60 -13.29 13.77
N6 12D B . -9.78 -14.73 12.22
N7 12D B . -7.49 -15.94 16.14
N8 12D B . -5.55 -12.40 13.74
O11 12D B . -10.03 -14.02 11.06
O12 12D B . -10.68 -15.74 12.54
O13 12D B . -6.46 -15.81 17.07
O14 12D B . -8.46 -16.91 16.33
O15 12D B . -5.37 -11.45 12.73
O16 12D B . -4.61 -12.42 14.76
#